data_6AJW
#
_entry.id   6AJW
#
_cell.length_a   33.407
_cell.length_b   47.152
_cell.length_c   78.316
_cell.angle_alpha   90.00
_cell.angle_beta   90.00
_cell.angle_gamma   90.00
#
_symmetry.space_group_name_H-M   'P 21 21 21'
#
loop_
_entity.id
_entity.type
_entity.pdbx_description
1 polymer 'Bromodomain-containing protein 4'
2 non-polymer 'SODIUM ION'
3 non-polymer 'DIMETHYL SULFOXIDE'
4 water water
#
_entity_poly.entity_id   1
_entity_poly.type   'polypeptide(L)'
_entity_poly.pdbx_seq_one_letter_code
;MHHHHHHMSTNPPPPETSNPNKPKRQTNQLQYLLRVVLKTLWKHQFAWPFQQPVDAVKLNLPDYYKIIKTPMDMGTIKKR
LENNYYWNAQECIQDFNTMFTNCYIYNKPGDDIVLMAEALEKLFLQKINELPTEE
;
_entity_poly.pdbx_strand_id   A
#
loop_
_chem_comp.id
_chem_comp.type
_chem_comp.name
_chem_comp.formula
DMS non-polymer 'DIMETHYL SULFOXIDE' 'C2 H6 O S'
NA non-polymer 'SODIUM ION' 'Na 1'
#
# COMPACT_ATOMS: atom_id res chain seq x y z
N MET A 1 14.45 -22.84 32.18
CA MET A 1 13.77 -21.66 31.66
C MET A 1 14.30 -21.30 30.28
N HIS A 2 13.40 -20.96 29.36
CA HIS A 2 13.82 -20.51 28.03
C HIS A 2 14.09 -19.01 27.98
N HIS A 3 13.57 -18.25 28.95
CA HIS A 3 13.71 -16.80 29.00
C HIS A 3 13.20 -16.12 27.73
N HIS A 4 12.33 -16.80 26.98
CA HIS A 4 11.67 -16.24 25.79
C HIS A 4 12.64 -15.83 24.69
N HIS A 5 13.86 -16.35 24.71
CA HIS A 5 14.85 -16.00 23.69
C HIS A 5 14.43 -16.45 22.29
N HIS A 6 13.55 -17.45 22.20
CA HIS A 6 13.07 -17.93 20.91
C HIS A 6 11.90 -17.12 20.37
N HIS A 7 11.36 -16.19 21.15
CA HIS A 7 10.19 -15.42 20.72
C HIS A 7 10.67 -14.18 19.96
N MET A 8 11.09 -14.42 18.71
CA MET A 8 11.58 -13.36 17.87
C MET A 8 10.42 -12.65 17.16
N SER A 9 10.68 -11.42 16.73
CA SER A 9 9.67 -10.66 16.01
C SER A 9 9.47 -11.23 14.61
N THR A 10 8.22 -11.25 14.15
CA THR A 10 7.88 -11.72 12.81
C THR A 10 6.92 -10.75 12.14
N ASN A 11 6.85 -10.84 10.86
CA ASN A 11 5.87 -10.07 10.11
C ASN A 11 4.58 -10.87 9.96
N PRO A 12 3.44 -10.21 9.88
CA PRO A 12 2.18 -10.91 9.57
C PRO A 12 2.19 -11.39 8.13
N PRO A 13 1.30 -12.30 7.75
CA PRO A 13 1.15 -12.62 6.34
C PRO A 13 0.74 -11.38 5.58
N PRO A 14 1.19 -11.24 4.33
CA PRO A 14 0.88 -10.02 3.57
C PRO A 14 -0.57 -10.04 3.11
N PRO A 15 -1.12 -8.90 2.72
CA PRO A 15 -2.50 -8.87 2.23
C PRO A 15 -2.63 -9.76 1.00
N GLU A 16 -3.81 -10.34 0.84
CA GLU A 16 -4.04 -11.22 -0.31
C GLU A 16 -4.01 -10.41 -1.60
N THR A 17 -3.51 -11.04 -2.66
CA THR A 17 -3.51 -10.44 -3.99
C THR A 17 -4.36 -11.21 -4.98
N SER A 18 -5.00 -12.28 -4.53
CA SER A 18 -5.93 -13.02 -5.36
C SER A 18 -6.96 -13.63 -4.42
N ASN A 19 -8.17 -13.75 -4.92
CA ASN A 19 -9.25 -14.40 -4.20
C ASN A 19 -10.23 -14.84 -5.26
N PRO A 20 -10.24 -16.11 -5.63
CA PRO A 20 -11.11 -16.55 -6.73
C PRO A 20 -12.59 -16.33 -6.48
N ASN A 21 -13.03 -16.23 -5.23
CA ASN A 21 -14.44 -16.05 -4.93
C ASN A 21 -14.85 -14.59 -4.80
N LYS A 22 -13.91 -13.66 -5.00
CA LYS A 22 -14.23 -12.24 -4.95
C LYS A 22 -14.59 -11.76 -6.35
N PRO A 23 -15.71 -11.06 -6.54
CA PRO A 23 -16.03 -10.55 -7.88
C PRO A 23 -15.02 -9.51 -8.32
N LYS A 24 -14.70 -9.53 -9.62
CA LYS A 24 -13.75 -8.60 -10.19
CA LYS A 24 -13.77 -8.57 -10.18
C LYS A 24 -14.18 -8.21 -11.60
N ARG A 25 -13.59 -7.12 -12.08
CA ARG A 25 -13.89 -6.57 -13.40
C ARG A 25 -12.64 -5.90 -13.93
N GLN A 26 -12.53 -5.84 -15.24
CA GLN A 26 -11.54 -5.00 -15.90
C GLN A 26 -12.29 -3.78 -16.42
N THR A 27 -12.05 -2.63 -15.81
CA THR A 27 -12.61 -1.38 -16.26
C THR A 27 -11.50 -0.50 -16.81
N ASN A 28 -11.89 0.46 -17.66
CA ASN A 28 -10.93 1.44 -18.16
C ASN A 28 -10.24 2.17 -17.02
N GLN A 29 -11.00 2.54 -15.99
CA GLN A 29 -10.41 3.25 -14.86
C GLN A 29 -9.37 2.39 -14.13
N LEU A 30 -9.66 1.10 -13.96
CA LEU A 30 -8.69 0.23 -13.29
C LEU A 30 -7.45 0.02 -14.16
N GLN A 31 -7.63 -0.13 -15.47
CA GLN A 31 -6.47 -0.25 -16.36
C GLN A 31 -5.60 1.00 -16.25
N TYR A 32 -6.24 2.17 -16.19
CA TYR A 32 -5.52 3.43 -16.05
C TYR A 32 -4.82 3.52 -14.69
N LEU A 33 -5.49 3.08 -13.63
CA LEU A 33 -4.85 3.09 -12.31
C LEU A 33 -3.55 2.29 -12.32
N LEU A 34 -3.48 1.23 -13.12
CA LEU A 34 -2.24 0.47 -13.21
C LEU A 34 -1.25 1.13 -14.15
N ARG A 35 -1.67 1.40 -15.39
CA ARG A 35 -0.74 1.85 -16.42
C ARG A 35 -0.19 3.24 -16.12
N VAL A 36 -1.02 4.12 -15.57
CA VAL A 36 -0.66 5.52 -15.36
C VAL A 36 -0.38 5.84 -13.89
N VAL A 37 -1.36 5.63 -13.01
CA VAL A 37 -1.23 6.10 -11.64
C VAL A 37 -0.17 5.31 -10.88
N LEU A 38 -0.37 4.00 -10.76
CA LEU A 38 0.60 3.20 -10.02
C LEU A 38 1.97 3.25 -10.67
N LYS A 39 2.02 3.10 -12.00
CA LYS A 39 3.32 2.97 -12.66
C LYS A 39 4.14 4.25 -12.60
N THR A 40 3.50 5.43 -12.56
CA THR A 40 4.29 6.65 -12.39
C THR A 40 4.70 6.85 -10.94
N LEU A 41 3.81 6.59 -9.99
CA LEU A 41 4.21 6.63 -8.58
C LEU A 41 5.35 5.65 -8.32
N TRP A 42 5.31 4.49 -8.97
CA TRP A 42 6.31 3.45 -8.75
C TRP A 42 7.71 3.91 -9.13
N LYS A 43 7.82 4.78 -10.13
CA LYS A 43 9.10 5.27 -10.61
C LYS A 43 9.62 6.46 -9.80
N HIS A 44 8.85 6.93 -8.82
CA HIS A 44 9.22 8.12 -8.07
C HIS A 44 10.41 7.87 -7.15
N GLN A 45 11.13 8.96 -6.83
CA GLN A 45 12.26 8.88 -5.91
C GLN A 45 11.87 8.30 -4.56
N PHE A 46 10.64 8.56 -4.10
CA PHE A 46 10.22 8.19 -2.77
C PHE A 46 9.36 6.94 -2.74
N ALA A 47 9.34 6.18 -3.84
CA ALA A 47 8.45 5.02 -3.92
C ALA A 47 8.95 3.87 -3.05
N TRP A 48 10.27 3.80 -2.80
CA TRP A 48 10.86 2.59 -2.24
C TRP A 48 10.27 2.12 -0.90
N PRO A 49 9.95 2.98 0.07
CA PRO A 49 9.37 2.44 1.31
C PRO A 49 8.03 1.80 1.10
N PHE A 50 7.37 2.07 -0.04
CA PHE A 50 5.99 1.71 -0.28
C PHE A 50 5.84 0.65 -1.36
N GLN A 51 6.95 0.10 -1.87
CA GLN A 51 6.89 -0.85 -2.98
C GLN A 51 6.67 -2.29 -2.53
N GLN A 52 6.48 -2.54 -1.23
CA GLN A 52 6.33 -3.87 -0.67
C GLN A 52 5.74 -3.75 0.72
N PRO A 53 5.17 -4.81 1.27
CA PRO A 53 4.65 -4.76 2.64
C PRO A 53 5.73 -4.29 3.61
N VAL A 54 5.34 -3.49 4.59
CA VAL A 54 6.29 -3.04 5.60
C VAL A 54 6.96 -4.25 6.23
N ASP A 55 8.28 -4.31 6.13
CA ASP A 55 9.06 -5.39 6.71
C ASP A 55 9.51 -4.89 8.08
N ALA A 56 8.67 -5.13 9.09
CA ALA A 56 8.92 -4.62 10.43
C ALA A 56 10.13 -5.31 11.05
N VAL A 57 10.41 -6.54 10.63
CA VAL A 57 11.60 -7.23 11.13
C VAL A 57 12.87 -6.57 10.60
N LYS A 58 12.92 -6.35 9.29
CA LYS A 58 14.11 -5.73 8.69
C LYS A 58 14.30 -4.30 9.19
N LEU A 59 13.23 -3.52 9.26
CA LEU A 59 13.33 -2.13 9.65
C LEU A 59 13.46 -1.94 11.15
N ASN A 60 13.44 -3.02 11.94
CA ASN A 60 13.46 -2.95 13.39
C ASN A 60 12.35 -2.06 13.94
N LEU A 61 11.14 -2.33 13.46
CA LEU A 61 9.92 -1.65 13.92
C LEU A 61 8.99 -2.71 14.53
N PRO A 62 9.37 -3.31 15.66
CA PRO A 62 8.52 -4.35 16.26
C PRO A 62 7.17 -3.83 16.71
N ASP A 63 6.99 -2.51 16.84
CA ASP A 63 5.68 -1.97 17.20
C ASP A 63 4.80 -1.68 15.99
N TYR A 64 5.31 -1.86 14.76
CA TYR A 64 4.55 -1.43 13.59
C TYR A 64 3.20 -2.12 13.51
N TYR A 65 3.20 -3.43 13.56
CA TYR A 65 1.93 -4.16 13.46
C TYR A 65 1.16 -4.21 14.76
N LYS A 66 1.72 -3.67 15.86
CA LYS A 66 0.90 -3.41 17.04
C LYS A 66 -0.01 -2.21 16.80
N ILE A 67 0.43 -1.26 15.97
CA ILE A 67 -0.29 -0.02 15.74
C ILE A 67 -1.11 -0.07 14.46
N ILE A 68 -0.56 -0.68 13.41
CA ILE A 68 -1.17 -0.70 12.08
C ILE A 68 -1.84 -2.05 11.88
N LYS A 69 -3.17 -2.05 11.83
CA LYS A 69 -3.93 -3.28 11.74
C LYS A 69 -4.51 -3.55 10.36
N THR A 70 -4.43 -2.60 9.44
CA THR A 70 -4.84 -2.79 8.06
CA THR A 70 -4.84 -2.81 8.05
C THR A 70 -3.69 -2.37 7.15
N PRO A 71 -2.62 -3.16 7.07
CA PRO A 71 -1.48 -2.76 6.25
C PRO A 71 -1.84 -2.76 4.77
N MET A 72 -1.18 -1.86 4.03
CA MET A 72 -1.34 -1.82 2.58
C MET A 72 -0.10 -1.14 2.00
N ASP A 73 0.23 -1.50 0.77
CA ASP A 73 1.44 -1.02 0.09
C ASP A 73 1.23 -1.12 -1.42
N MET A 74 2.11 -0.44 -2.17
CA MET A 74 1.96 -0.38 -3.62
C MET A 74 2.33 -1.69 -4.28
N GLY A 75 3.18 -2.51 -3.66
CA GLY A 75 3.44 -3.83 -4.21
C GLY A 75 2.20 -4.69 -4.21
N THR A 76 1.46 -4.68 -3.09
CA THR A 76 0.17 -5.36 -3.02
C THR A 76 -0.81 -4.78 -4.02
N ILE A 77 -0.88 -3.45 -4.11
CA ILE A 77 -1.79 -2.82 -5.07
C ILE A 77 -1.45 -3.20 -6.49
N LYS A 78 -0.15 -3.17 -6.83
CA LYS A 78 0.29 -3.52 -8.18
C LYS A 78 -0.11 -4.95 -8.53
N LYS A 79 0.12 -5.89 -7.60
CA LYS A 79 -0.27 -7.28 -7.84
C LYS A 79 -1.77 -7.41 -7.98
N ARG A 80 -2.54 -6.70 -7.13
CA ARG A 80 -4.00 -6.74 -7.24
C ARG A 80 -4.47 -6.24 -8.59
N LEU A 81 -3.89 -5.14 -9.07
CA LEU A 81 -4.25 -4.62 -10.39
C LEU A 81 -3.87 -5.60 -11.49
N GLU A 82 -2.66 -6.16 -11.43
CA GLU A 82 -2.21 -7.10 -12.47
C GLU A 82 -3.03 -8.38 -12.45
N ASN A 83 -3.41 -8.84 -11.26
CA ASN A 83 -4.19 -10.07 -11.13
C ASN A 83 -5.68 -9.86 -11.36
N ASN A 84 -6.09 -8.63 -11.66
CA ASN A 84 -7.50 -8.30 -11.80
C ASN A 84 -8.28 -8.69 -10.55
N TYR A 85 -7.92 -8.06 -9.44
CA TYR A 85 -8.51 -8.36 -8.14
C TYR A 85 -9.69 -7.45 -7.80
N TYR A 86 -9.73 -6.25 -8.36
CA TYR A 86 -10.70 -5.23 -7.95
C TYR A 86 -11.97 -5.29 -8.80
N TRP A 87 -13.07 -4.85 -8.19
CA TRP A 87 -14.32 -4.64 -8.92
C TRP A 87 -14.38 -3.26 -9.56
N ASN A 88 -13.87 -2.23 -8.89
CA ASN A 88 -13.93 -0.90 -9.45
C ASN A 88 -12.78 -0.04 -8.94
N ALA A 89 -12.66 1.14 -9.55
CA ALA A 89 -11.55 2.03 -9.24
C ALA A 89 -11.56 2.44 -7.78
N GLN A 90 -12.75 2.66 -7.20
CA GLN A 90 -12.83 3.12 -5.83
C GLN A 90 -12.22 2.11 -4.84
N GLU A 91 -12.38 0.81 -5.11
CA GLU A 91 -11.76 -0.20 -4.26
CA GLU A 91 -11.76 -0.21 -4.27
C GLU A 91 -10.24 -0.06 -4.26
N CYS A 92 -9.66 0.18 -5.43
CA CYS A 92 -8.21 0.35 -5.52
C CYS A 92 -7.78 1.65 -4.84
N ILE A 93 -8.50 2.74 -5.12
CA ILE A 93 -8.24 4.02 -4.46
C ILE A 93 -8.24 3.86 -2.93
N GLN A 94 -9.18 3.07 -2.41
CA GLN A 94 -9.23 2.83 -0.97
C GLN A 94 -7.91 2.25 -0.46
N ASP A 95 -7.31 1.34 -1.23
CA ASP A 95 -6.04 0.75 -0.82
C ASP A 95 -4.93 1.81 -0.80
N PHE A 96 -4.89 2.68 -1.80
CA PHE A 96 -3.91 3.78 -1.75
C PHE A 96 -4.13 4.63 -0.51
N ASN A 97 -5.40 4.98 -0.22
CA ASN A 97 -5.69 5.83 0.93
C ASN A 97 -5.22 5.17 2.22
N THR A 98 -5.45 3.86 2.36
CA THR A 98 -5.02 3.14 3.55
C THR A 98 -3.50 3.18 3.68
N MET A 99 -2.79 2.96 2.58
CA MET A 99 -1.33 3.03 2.59
C MET A 99 -0.83 4.37 3.11
N PHE A 100 -1.38 5.47 2.59
CA PHE A 100 -0.93 6.78 3.03
C PHE A 100 -1.31 7.04 4.49
N THR A 101 -2.55 6.72 4.87
CA THR A 101 -3.01 6.97 6.22
C THR A 101 -2.22 6.16 7.24
N ASN A 102 -1.90 4.90 6.93
CA ASN A 102 -1.05 4.09 7.82
C ASN A 102 0.26 4.81 8.10
N CYS A 103 0.86 5.40 7.07
CA CYS A 103 2.13 6.10 7.26
C CYS A 103 1.96 7.28 8.20
N TYR A 104 0.89 8.05 8.05
CA TYR A 104 0.68 9.20 8.93
C TYR A 104 0.33 8.77 10.35
N ILE A 105 -0.36 7.63 10.52
CA ILE A 105 -0.63 7.14 11.86
C ILE A 105 0.66 6.73 12.56
N TYR A 106 1.44 5.86 11.92
CA TYR A 106 2.60 5.27 12.57
C TYR A 106 3.68 6.31 12.85
N ASN A 107 3.85 7.27 11.96
CA ASN A 107 4.91 8.26 12.06
C ASN A 107 4.35 9.60 12.53
N LYS A 108 5.18 10.64 12.48
CA LYS A 108 4.84 11.98 12.96
C LYS A 108 5.18 13.03 11.91
N PRO A 109 4.48 14.17 11.91
CA PRO A 109 4.82 15.21 10.94
C PRO A 109 6.28 15.62 11.08
N GLY A 110 6.92 15.80 9.95
CA GLY A 110 8.32 16.15 9.91
C GLY A 110 9.26 14.99 9.69
N ASP A 111 8.81 13.75 9.98
CA ASP A 111 9.66 12.60 9.72
C ASP A 111 9.91 12.48 8.22
N ASP A 112 11.12 12.05 7.85
CA ASP A 112 11.45 11.84 6.44
C ASP A 112 10.38 11.01 5.74
N ILE A 113 9.96 9.92 6.38
CA ILE A 113 9.00 9.01 5.76
C ILE A 113 7.64 9.71 5.54
N VAL A 114 7.27 10.63 6.43
CA VAL A 114 6.01 11.34 6.26
C VAL A 114 6.13 12.35 5.11
N LEU A 115 7.27 13.00 4.98
CA LEU A 115 7.48 13.89 3.84
CA LEU A 115 7.48 13.89 3.84
C LEU A 115 7.41 13.11 2.53
N MET A 116 7.91 11.89 2.52
CA MET A 116 7.82 11.04 1.34
C MET A 116 6.37 10.72 1.02
N ALA A 117 5.62 10.26 2.03
CA ALA A 117 4.21 9.96 1.81
C ALA A 117 3.44 11.19 1.33
N GLU A 118 3.70 12.34 1.95
CA GLU A 118 3.01 13.58 1.56
C GLU A 118 3.25 13.89 0.08
N ALA A 119 4.48 13.74 -0.38
CA ALA A 119 4.79 14.01 -1.78
C ALA A 119 4.09 13.02 -2.70
N LEU A 120 4.12 11.73 -2.36
CA LEU A 120 3.45 10.73 -3.19
C LEU A 120 1.94 10.95 -3.20
N GLU A 121 1.37 11.32 -2.06
CA GLU A 121 -0.07 11.57 -2.01
C GLU A 121 -0.46 12.75 -2.89
N LYS A 122 0.39 13.79 -2.95
CA LYS A 122 0.06 14.92 -3.82
C LYS A 122 0.07 14.50 -5.29
N LEU A 123 1.07 13.70 -5.70
CA LEU A 123 1.08 13.18 -7.07
C LEU A 123 -0.11 12.27 -7.32
N PHE A 124 -0.44 11.42 -6.35
CA PHE A 124 -1.58 10.53 -6.48
C PHE A 124 -2.87 11.31 -6.72
N LEU A 125 -3.11 12.34 -5.90
CA LEU A 125 -4.30 13.16 -6.07
C LEU A 125 -4.33 13.85 -7.43
N GLN A 126 -3.17 14.34 -7.89
CA GLN A 126 -3.11 14.96 -9.21
C GLN A 126 -3.48 13.96 -10.30
N LYS A 127 -2.98 12.72 -10.20
CA LYS A 127 -3.20 11.76 -11.27
C LYS A 127 -4.62 11.20 -11.28
N ILE A 128 -5.28 11.12 -10.12
CA ILE A 128 -6.63 10.53 -10.09
C ILE A 128 -7.73 11.57 -10.19
N ASN A 129 -7.39 12.86 -10.24
CA ASN A 129 -8.41 13.89 -10.39
C ASN A 129 -9.30 13.62 -11.59
N GLU A 130 -8.69 13.13 -12.68
CA GLU A 130 -9.41 12.79 -13.89
C GLU A 130 -9.04 11.36 -14.26
N LEU A 131 -10.04 10.48 -14.32
CA LEU A 131 -9.92 9.10 -14.74
C LEU A 131 -10.66 8.90 -16.06
N PRO A 132 -10.35 7.84 -16.80
CA PRO A 132 -11.11 7.57 -18.03
C PRO A 132 -12.59 7.42 -17.75
N THR A 133 -13.38 7.56 -18.81
CA THR A 133 -14.84 7.50 -18.78
C THR A 133 -15.46 8.61 -17.95
NA NA B . 15.76 -6.77 12.26
S DMS C . 6.91 3.40 6.88
O DMS C . 5.77 3.94 7.64
C1 DMS C . 7.33 1.84 7.71
C2 DMS C . 6.32 2.73 5.30
NA NA D . -5.55 11.50 -14.44
NA NA E . -8.93 -5.09 -10.94
#